data_9VP0
#
_entry.id   9VP0
#
_cell.length_a   42.190
_cell.length_b   100.814
_cell.length_c   128.639
_cell.angle_alpha   90.000
_cell.angle_beta   90.000
_cell.angle_gamma   90.000
#
_symmetry.space_group_name_H-M   'P 21 21 21'
#
loop_
_entity.id
_entity.type
_entity.pdbx_description
1 polymer 'Interleukin 31'
2 polymer Antibody-H
3 polymer Antibody-L
4 water water
#
loop_
_entity_poly.entity_id
_entity_poly.type
_entity_poly.pdbx_seq_one_letter_code
_entity_poly.pdbx_strand_id
1 'polypeptide(L)'
;MHMAPTHQLPPSDVRKIILELQPLSRGLLEDYQKKETGVPESNRTLLLCLTSDSQPPRLNSSAILPYFRAIRPLSDKNII
DKIIEQLDKLKFQHEPETEISVPADTFECKSFILTILQQFSACLESVFKSLNSGPQLEHHHHHH
;
A
2 'polypeptide(L)'
;EVQLVESGGDLVKPGGSLRLSCVASGFTFSSYVMSWVRQIPEKRLEWVATISSFGSYTYYVDAVKGRFTISRDNAKNTLY
LQMNSLRAEDTAIYYCTRQTTMIAWFAYWGQGTLVTVSSASTTAPSVFPLAPSCGSTSGSTVALACLVSGYFPEPVTVSW
NSGSLTSGVHTFPSVLQSSGLHSLSSMVTVPSSRWPSETFTCNVVHPASNTKVDKPV
;
H
3 'polypeptide(L)'
;EIVMTQTHKFMSTSVGDRVNITCKASQDVGAALAWYQQKPGQAPKLLIYWASNRATGVPSRFSGSGSGTDFTFTISSLEP
EDVAVYYCQQFSSYHTFGGGTKLEIKRNDAQPAVYLFQPSPDQLHTGSASVVCLLNSFYPKDINVKWKVDGVIQDTGIQE
SVTEQDKDSTYSLSSTLTMSSTEYLSHELYSCEITHKSLPSTLIKSFQRSECQRVDHHHHHH
;
L
#
# COMPACT_ATOMS: atom_id res chain seq x y z
N VAL A 14 11.33 33.65 -33.43
CA VAL A 14 11.61 32.97 -32.17
C VAL A 14 10.50 31.97 -31.78
N ARG A 15 9.24 32.41 -31.84
CA ARG A 15 8.15 31.44 -31.75
C ARG A 15 8.30 30.35 -32.81
N LYS A 16 8.84 30.71 -33.97
CA LYS A 16 9.01 29.76 -35.05
C LYS A 16 9.98 28.66 -34.67
N ILE A 17 11.10 29.01 -34.06
CA ILE A 17 12.08 27.99 -33.70
C ILE A 17 11.57 27.11 -32.57
N ILE A 18 10.84 27.71 -31.61
CA ILE A 18 10.24 26.91 -30.54
C ILE A 18 9.32 25.85 -31.13
N LEU A 19 8.49 26.25 -32.10
CA LEU A 19 7.53 25.31 -32.66
C LEU A 19 8.20 24.26 -33.53
N GLU A 20 9.30 24.62 -34.20
CA GLU A 20 10.09 23.64 -34.95
C GLU A 20 10.74 22.62 -34.01
N LEU A 21 11.26 23.08 -32.88
CA LEU A 21 12.00 22.19 -31.99
C LEU A 21 11.09 21.28 -31.18
N GLN A 22 9.89 21.76 -30.84
CA GLN A 22 9.05 21.09 -29.87
C GLN A 22 8.69 19.65 -30.24
N PRO A 23 8.24 19.34 -31.46
CA PRO A 23 8.01 17.93 -31.78
C PRO A 23 9.28 17.09 -31.77
N LEU A 24 10.43 17.70 -32.08
CA LEU A 24 11.68 16.95 -32.04
C LEU A 24 12.03 16.58 -30.60
N SER A 25 11.89 17.56 -29.70
CA SER A 25 12.19 17.35 -28.29
C SER A 25 11.23 16.36 -27.65
N ARG A 26 9.94 16.47 -27.96
CA ARG A 26 8.95 15.59 -27.38
C ARG A 26 9.20 14.15 -27.79
N GLY A 27 9.47 13.94 -29.08
CA GLY A 27 9.74 12.60 -29.56
C GLY A 27 10.99 11.99 -28.96
N LEU A 28 12.06 12.79 -28.82
CA LEU A 28 13.28 12.24 -28.25
C LEU A 28 13.04 11.80 -26.80
N LEU A 29 12.34 12.63 -26.02
CA LEU A 29 12.09 12.31 -24.61
C LEU A 29 11.22 11.07 -24.47
N GLU A 30 10.10 11.04 -25.18
CA GLU A 30 9.16 9.94 -25.05
C GLU A 30 9.75 8.63 -25.57
N ASP A 31 10.57 8.69 -26.62
CA ASP A 31 11.23 7.48 -27.11
C ASP A 31 12.22 6.95 -26.06
N TYR A 32 12.93 7.85 -25.38
CA TYR A 32 13.85 7.42 -24.32
C TYR A 32 13.09 6.81 -23.15
N GLN A 33 11.95 7.40 -22.78
CA GLN A 33 11.17 6.83 -21.69
C GLN A 33 10.67 5.44 -22.02
N LYS A 34 10.34 5.21 -23.29
CA LYS A 34 9.84 3.92 -23.74
C LYS A 34 10.97 2.88 -23.87
N LYS A 35 12.16 3.27 -24.33
CA LYS A 35 13.19 2.29 -24.64
C LYS A 35 14.09 1.94 -23.46
N GLU A 36 14.31 2.86 -22.54
CA GLU A 36 15.32 2.73 -21.52
C GLU A 36 14.63 2.36 -20.20
N THR A 37 15.08 1.29 -19.56
CA THR A 37 14.49 0.89 -18.29
C THR A 37 15.41 1.28 -17.14
N GLY A 38 14.81 1.69 -16.02
CA GLY A 38 15.56 1.91 -14.81
C GLY A 38 16.60 3.02 -14.83
N VAL A 39 16.32 4.15 -15.47
CA VAL A 39 17.29 5.22 -15.55
C VAL A 39 17.21 6.06 -14.27
N PRO A 40 18.29 6.17 -13.50
CA PRO A 40 18.21 6.91 -12.23
C PRO A 40 18.12 8.41 -12.43
N GLU A 41 17.61 9.07 -11.39
CA GLU A 41 17.52 10.51 -11.35
C GLU A 41 18.90 11.11 -11.08
N SER A 42 19.35 12.00 -11.96
CA SER A 42 20.67 12.60 -11.75
C SER A 42 20.62 13.73 -10.72
N ASN A 43 19.45 14.38 -10.58
CA ASN A 43 19.28 15.58 -9.77
C ASN A 43 20.17 16.75 -10.19
N ARG A 44 20.73 16.72 -11.39
CA ARG A 44 21.60 17.78 -11.85
C ARG A 44 20.83 18.78 -12.71
N THR A 45 21.25 20.04 -12.63
CA THR A 45 20.87 20.99 -13.66
C THR A 45 21.98 21.00 -14.71
N LEU A 46 21.60 20.79 -15.97
CA LEU A 46 22.53 20.75 -17.09
C LEU A 46 22.27 21.88 -18.08
N LEU A 47 21.01 22.08 -18.47
CA LEU A 47 20.68 23.08 -19.49
C LEU A 47 20.25 24.37 -18.80
N LEU A 48 20.86 25.49 -19.19
CA LEU A 48 20.39 26.80 -18.77
C LEU A 48 19.43 27.32 -19.84
N CYS A 49 18.17 27.48 -19.47
CA CYS A 49 17.14 27.80 -20.46
C CYS A 49 17.37 29.18 -21.08
N LEU A 50 17.51 30.23 -20.26
CA LEU A 50 17.60 31.57 -20.80
C LEU A 50 18.97 32.19 -20.53
N THR A 51 19.17 33.35 -21.13
CA THR A 51 20.42 34.10 -21.01
C THR A 51 20.44 34.99 -19.77
N PRO A 57 16.57 38.73 -22.24
CA PRO A 57 16.72 37.29 -21.99
C PRO A 57 16.04 36.41 -23.04
N ARG A 58 16.85 35.82 -23.92
CA ARG A 58 16.36 34.97 -24.99
C ARG A 58 16.81 33.54 -24.74
N LEU A 59 16.34 32.63 -25.58
CA LEU A 59 16.70 31.24 -25.43
C LEU A 59 18.21 31.07 -25.64
N ASN A 60 18.83 30.26 -24.77
CA ASN A 60 20.27 30.29 -24.59
C ASN A 60 20.93 29.16 -25.40
N SER A 61 20.96 29.37 -26.72
CA SER A 61 21.50 28.34 -27.60
C SER A 61 22.90 27.91 -27.20
N SER A 62 23.76 28.88 -26.84
CA SER A 62 25.15 28.54 -26.57
C SER A 62 25.32 27.73 -25.29
N ALA A 63 24.39 27.84 -24.35
CA ALA A 63 24.42 26.97 -23.17
C ALA A 63 23.81 25.61 -23.43
N ILE A 64 22.90 25.51 -24.39
CA ILE A 64 22.20 24.26 -24.67
C ILE A 64 22.91 23.44 -25.73
N LEU A 65 23.39 24.10 -26.79
CA LEU A 65 24.05 23.43 -27.91
C LEU A 65 25.15 22.44 -27.53
N PRO A 66 26.13 22.78 -26.66
CA PRO A 66 27.20 21.81 -26.39
C PRO A 66 26.70 20.49 -25.87
N TYR A 67 25.65 20.51 -25.05
CA TYR A 67 25.11 19.27 -24.52
C TYR A 67 24.58 18.39 -25.65
N PHE A 68 23.91 18.99 -26.63
CA PHE A 68 23.42 18.20 -27.75
C PHE A 68 24.55 17.72 -28.65
N ARG A 69 25.59 18.55 -28.84
CA ARG A 69 26.78 18.07 -29.55
C ARG A 69 27.42 16.89 -28.83
N ALA A 70 27.45 16.94 -27.50
CA ALA A 70 28.12 15.89 -26.75
C ALA A 70 27.34 14.57 -26.76
N ILE A 71 26.00 14.60 -26.83
CA ILE A 71 25.25 13.34 -26.86
C ILE A 71 24.92 12.87 -28.28
N ARG A 72 25.30 13.61 -29.31
CA ARG A 72 25.01 13.20 -30.69
C ARG A 72 25.44 11.77 -31.01
N PRO A 73 26.65 11.30 -30.66
CA PRO A 73 27.00 9.89 -30.95
C PRO A 73 26.19 8.88 -30.16
N LEU A 74 25.52 9.29 -29.08
CA LEU A 74 24.77 8.41 -28.20
C LEU A 74 23.28 8.40 -28.48
N SER A 75 22.84 9.09 -29.52
CA SER A 75 21.43 9.37 -29.71
C SER A 75 21.12 9.21 -31.20
N ASP A 76 19.97 9.76 -31.63
CA ASP A 76 19.57 9.79 -33.03
C ASP A 76 20.21 10.98 -33.74
N LYS A 77 21.29 10.72 -34.47
CA LYS A 77 22.07 11.81 -35.07
C LYS A 77 21.20 12.69 -35.96
N ASN A 78 20.14 12.13 -36.53
CA ASN A 78 19.32 12.86 -37.49
C ASN A 78 18.48 13.91 -36.81
N ILE A 79 17.81 13.53 -35.71
CA ILE A 79 17.04 14.48 -34.92
C ILE A 79 17.97 15.49 -34.26
N ILE A 80 19.11 15.02 -33.73
CA ILE A 80 20.05 15.94 -33.08
C ILE A 80 20.53 16.99 -34.07
N ASP A 81 20.84 16.57 -35.29
CA ASP A 81 21.30 17.52 -36.30
C ASP A 81 20.25 18.58 -36.57
N LYS A 82 18.98 18.18 -36.63
CA LYS A 82 17.90 19.15 -36.81
C LYS A 82 17.86 20.11 -35.64
N ILE A 83 17.95 19.58 -34.40
CA ILE A 83 17.95 20.43 -33.21
C ILE A 83 19.09 21.44 -33.28
N ILE A 84 20.29 20.96 -33.61
CA ILE A 84 21.46 21.83 -33.63
C ILE A 84 21.30 22.93 -34.67
N GLU A 85 20.80 22.59 -35.87
CA GLU A 85 20.61 23.58 -36.92
C GLU A 85 19.62 24.65 -36.50
N GLN A 86 18.59 24.27 -35.74
CA GLN A 86 17.65 25.27 -35.24
C GLN A 86 18.28 26.18 -34.21
N LEU A 87 19.01 25.61 -33.24
CA LEU A 87 19.57 26.42 -32.16
C LEU A 87 20.72 27.29 -32.64
N ASP A 88 21.48 26.83 -33.65
CA ASP A 88 22.53 27.66 -34.24
C ASP A 88 22.00 29.01 -34.72
N LYS A 89 20.75 29.05 -35.20
CA LYS A 89 20.12 30.29 -35.64
C LYS A 89 19.93 31.29 -34.49
N LEU A 90 20.00 30.83 -33.25
CA LEU A 90 19.81 31.67 -32.07
C LEU A 90 21.10 31.91 -31.30
N LYS A 91 22.24 31.83 -31.98
CA LYS A 91 23.53 31.92 -31.33
C LYS A 91 24.34 33.05 -31.94
N PHE A 92 24.88 33.91 -31.08
CA PHE A 92 25.90 34.84 -31.53
C PHE A 92 27.17 34.06 -31.89
N GLN A 93 27.76 34.41 -33.03
CA GLN A 93 28.95 33.69 -33.48
C GLN A 93 30.09 33.82 -32.48
N HIS A 94 30.18 34.96 -31.78
CA HIS A 94 31.21 35.17 -30.78
C HIS A 94 31.01 34.33 -29.52
N GLU A 95 29.79 33.88 -29.25
CA GLU A 95 29.49 33.22 -27.97
C GLU A 95 30.23 31.88 -27.89
N PRO A 96 31.06 31.67 -26.87
CA PRO A 96 31.78 30.40 -26.75
C PRO A 96 30.95 29.33 -26.07
N GLU A 97 31.28 28.09 -26.39
CA GLU A 97 30.56 26.93 -25.89
C GLU A 97 31.43 26.18 -24.90
N THR A 98 30.86 25.86 -23.73
CA THR A 98 31.54 25.03 -22.75
C THR A 98 31.85 23.65 -23.32
N GLU A 99 33.02 23.13 -22.98
CA GLU A 99 33.33 21.73 -23.29
C GLU A 99 32.69 20.83 -22.24
N ILE A 100 31.86 19.89 -22.68
CA ILE A 100 30.99 19.09 -21.81
C ILE A 100 31.63 17.75 -21.52
N SER A 101 31.53 17.30 -20.26
CA SER A 101 32.07 16.01 -19.84
C SER A 101 30.94 15.01 -19.70
N VAL A 102 30.88 14.06 -20.63
CA VAL A 102 29.83 13.04 -20.59
C VAL A 102 30.25 11.92 -19.64
N PRO A 103 29.40 11.53 -18.70
CA PRO A 103 29.77 10.45 -17.77
C PRO A 103 30.09 9.16 -18.53
N ALA A 104 31.12 8.47 -18.07
CA ALA A 104 31.54 7.21 -18.70
C ALA A 104 30.73 6.03 -18.20
N ASP A 105 30.32 6.04 -16.94
CA ASP A 105 29.55 4.94 -16.39
C ASP A 105 28.17 4.86 -17.06
N THR A 106 27.74 3.63 -17.35
CA THR A 106 26.58 3.43 -18.22
C THR A 106 25.32 4.05 -17.63
N PHE A 107 25.13 3.87 -16.32
CA PHE A 107 23.94 4.39 -15.65
C PHE A 107 23.96 5.91 -15.56
N GLU A 108 25.13 6.46 -15.16
CA GLU A 108 25.27 7.91 -15.12
C GLU A 108 25.07 8.51 -16.51
N CYS A 109 25.55 7.81 -17.54
CA CYS A 109 25.42 8.32 -18.90
C CYS A 109 23.96 8.37 -19.35
N LYS A 110 23.18 7.33 -19.05
CA LYS A 110 21.75 7.40 -19.36
C LYS A 110 21.04 8.48 -18.56
N SER A 111 21.36 8.62 -17.27
CA SER A 111 20.76 9.70 -16.48
C SER A 111 21.11 11.06 -17.07
N PHE A 112 22.35 11.20 -17.53
CA PHE A 112 22.80 12.44 -18.16
C PHE A 112 21.97 12.75 -19.40
N ILE A 113 21.82 11.77 -20.30
CA ILE A 113 21.02 11.98 -21.50
C ILE A 113 19.58 12.29 -21.14
N LEU A 114 19.00 11.48 -20.22
CA LEU A 114 17.60 11.67 -19.87
C LEU A 114 17.35 13.07 -19.32
N THR A 115 18.26 13.55 -18.48
CA THR A 115 18.11 14.88 -17.89
C THR A 115 18.20 15.98 -18.93
N ILE A 116 19.06 15.80 -19.95
CA ILE A 116 19.12 16.77 -21.06
C ILE A 116 17.77 16.83 -21.77
N LEU A 117 17.20 15.66 -22.09
CA LEU A 117 15.94 15.64 -22.82
C LEU A 117 14.81 16.24 -22.00
N GLN A 118 14.76 15.92 -20.70
CA GLN A 118 13.75 16.50 -19.80
C GLN A 118 13.86 18.02 -19.75
N GLN A 119 15.08 18.54 -19.53
CA GLN A 119 15.24 19.98 -19.37
C GLN A 119 15.05 20.74 -20.68
N PHE A 120 15.42 20.13 -21.81
CA PHE A 120 15.14 20.76 -23.10
C PHE A 120 13.64 20.87 -23.32
N SER A 121 12.92 19.78 -23.07
CA SER A 121 11.45 19.80 -23.11
C SER A 121 10.90 20.91 -22.22
N ALA A 122 11.39 21.01 -20.98
CA ALA A 122 10.88 21.99 -20.04
C ALA A 122 11.18 23.42 -20.48
N CYS A 123 12.37 23.65 -21.02
CA CYS A 123 12.75 24.98 -21.48
C CYS A 123 11.82 25.46 -22.59
N LEU A 124 11.60 24.61 -23.60
CA LEU A 124 10.72 25.00 -24.69
C LEU A 124 9.29 25.26 -24.22
N GLU A 125 8.78 24.40 -23.33
CA GLU A 125 7.45 24.62 -22.79
C GLU A 125 7.39 25.92 -21.98
N SER A 126 8.45 26.21 -21.22
CA SER A 126 8.52 27.46 -20.47
C SER A 126 8.54 28.66 -21.40
N VAL A 127 9.46 28.66 -22.39
CA VAL A 127 9.56 29.77 -23.33
C VAL A 127 8.26 29.94 -24.10
N PHE A 128 7.60 28.83 -24.45
CA PHE A 128 6.33 28.92 -25.17
C PHE A 128 5.26 29.60 -24.31
N LYS A 129 5.19 29.27 -23.02
CA LYS A 129 4.27 29.99 -22.15
C LYS A 129 4.63 31.46 -22.03
N SER A 130 5.92 31.77 -22.08
CA SER A 130 6.35 33.17 -22.13
C SER A 130 5.76 33.88 -23.34
N LEU A 131 5.86 33.26 -24.51
CA LEU A 131 5.30 33.82 -25.73
C LEU A 131 3.86 33.37 -25.94
N GLU B 1 8.93 21.38 -3.10
CA GLU B 1 9.07 19.95 -2.85
C GLU B 1 8.11 19.18 -3.77
N VAL B 2 8.49 17.98 -4.19
CA VAL B 2 7.60 17.16 -5.02
C VAL B 2 6.36 16.79 -4.23
N GLN B 3 5.19 17.07 -4.79
CA GLN B 3 3.93 16.72 -4.16
C GLN B 3 2.97 16.13 -5.18
N LEU B 4 2.34 15.02 -4.81
CA LEU B 4 1.30 14.37 -5.59
C LEU B 4 0.10 14.20 -4.67
N VAL B 5 -1.07 14.64 -5.11
CA VAL B 5 -2.28 14.55 -4.29
C VAL B 5 -3.38 13.88 -5.09
N GLU B 6 -3.77 12.67 -4.69
CA GLU B 6 -4.85 11.96 -5.37
C GLU B 6 -6.21 12.38 -4.85
N SER B 7 -7.22 12.29 -5.71
CA SER B 7 -8.59 12.48 -5.24
C SER B 7 -9.54 11.68 -6.12
N GLY B 8 -10.77 11.55 -5.63
CA GLY B 8 -11.84 10.91 -6.38
C GLY B 8 -12.25 9.53 -5.90
N GLY B 9 -11.56 8.93 -4.93
CA GLY B 9 -11.98 7.64 -4.42
C GLY B 9 -13.30 7.73 -3.70
N ASP B 10 -14.10 6.66 -3.77
CA ASP B 10 -15.47 6.66 -3.26
C ASP B 10 -15.98 5.22 -3.25
N LEU B 11 -17.21 5.04 -2.77
CA LEU B 11 -17.89 3.76 -2.81
C LEU B 11 -18.64 3.64 -4.13
N VAL B 12 -18.64 2.44 -4.70
CA VAL B 12 -19.34 2.20 -5.95
C VAL B 12 -19.82 0.75 -5.97
N LYS B 13 -20.80 0.49 -6.77
CA LYS B 13 -21.32 -0.85 -6.97
C LYS B 13 -20.56 -1.56 -8.10
N PRO B 14 -20.53 -2.91 -8.08
CA PRO B 14 -19.86 -3.64 -9.17
C PRO B 14 -20.44 -3.25 -10.51
N GLY B 15 -19.56 -3.05 -11.50
CA GLY B 15 -20.00 -2.57 -12.80
C GLY B 15 -20.09 -1.07 -12.91
N GLY B 16 -19.87 -0.33 -11.82
CA GLY B 16 -19.86 1.11 -11.88
C GLY B 16 -18.56 1.67 -12.43
N SER B 17 -18.50 2.99 -12.45
CA SER B 17 -17.37 3.75 -12.94
C SER B 17 -16.97 4.81 -11.90
N LEU B 18 -15.74 5.28 -12.03
CA LEU B 18 -15.15 6.25 -11.13
C LEU B 18 -13.93 6.87 -11.83
N ARG B 19 -13.67 8.14 -11.55
CA ARG B 19 -12.55 8.83 -12.17
C ARG B 19 -11.61 9.37 -11.10
N LEU B 20 -10.34 8.94 -11.13
CA LEU B 20 -9.36 9.41 -10.16
C LEU B 20 -8.51 10.50 -10.79
N SER B 21 -8.10 11.46 -9.96
CA SER B 21 -7.25 12.55 -10.38
C SER B 21 -6.06 12.62 -9.43
N CYS B 22 -4.93 13.02 -9.98
CA CYS B 22 -3.73 13.26 -9.19
C CYS B 22 -3.14 14.56 -9.68
N VAL B 23 -3.00 15.53 -8.80
CA VAL B 23 -2.49 16.85 -9.14
C VAL B 23 -1.10 16.96 -8.55
N ALA B 24 -0.14 17.34 -9.39
CA ALA B 24 1.26 17.31 -9.04
C ALA B 24 1.81 18.73 -8.93
N SER B 25 2.73 18.93 -7.99
CA SER B 25 3.37 20.22 -7.84
C SER B 25 4.85 20.00 -7.56
N GLY B 26 5.65 21.05 -7.77
CA GLY B 26 7.04 21.06 -7.36
C GLY B 26 8.04 20.55 -8.36
N PHE B 27 7.60 20.22 -9.58
CA PHE B 27 8.47 19.75 -10.65
C PHE B 27 7.75 20.00 -11.96
N THR B 28 8.50 19.96 -13.07
CA THR B 28 7.85 20.15 -14.36
C THR B 28 7.16 18.85 -14.74
N PHE B 29 5.83 18.86 -14.66
CA PHE B 29 5.02 17.64 -14.74
C PHE B 29 5.27 16.90 -16.04
N SER B 30 5.30 17.63 -17.16
CA SER B 30 5.51 16.99 -18.47
C SER B 30 6.90 16.41 -18.65
N SER B 31 7.83 16.64 -17.74
CA SER B 31 9.13 15.98 -17.91
C SER B 31 9.13 14.53 -17.46
N TYR B 32 8.09 14.04 -16.78
CA TYR B 32 8.17 12.76 -16.11
C TYR B 32 7.07 11.79 -16.57
N VAL B 33 7.43 10.51 -16.57
CA VAL B 33 6.46 9.44 -16.63
C VAL B 33 5.63 9.44 -15.34
N MET B 34 4.33 9.18 -15.47
CA MET B 34 3.44 9.07 -14.32
C MET B 34 2.74 7.72 -14.32
N SER B 35 2.40 7.22 -13.12
CA SER B 35 1.88 5.88 -12.97
C SER B 35 0.91 5.81 -11.79
N TRP B 36 0.04 4.80 -11.84
CA TRP B 36 -0.81 4.41 -10.72
C TRP B 36 -0.37 3.06 -10.17
N VAL B 37 -0.34 2.96 -8.84
CA VAL B 37 -0.11 1.74 -8.10
C VAL B 37 -1.24 1.62 -7.08
N ARG B 38 -1.77 0.41 -6.91
CA ARG B 38 -2.83 0.20 -5.92
C ARG B 38 -2.39 -0.81 -4.86
N GLN B 39 -3.00 -0.71 -3.69
CA GLN B 39 -2.74 -1.62 -2.59
C GLN B 39 -4.09 -2.09 -2.04
N ILE B 40 -4.33 -3.38 -2.14
CA ILE B 40 -5.59 -4.01 -1.76
C ILE B 40 -5.59 -4.22 -0.24
N PRO B 41 -6.76 -4.50 0.37
CA PRO B 41 -6.83 -4.62 1.84
C PRO B 41 -5.88 -5.63 2.44
N GLU B 42 -5.52 -6.68 1.71
CA GLU B 42 -4.53 -7.62 2.21
C GLU B 42 -3.10 -7.11 2.11
N LYS B 43 -2.91 -5.87 1.66
CA LYS B 43 -1.66 -5.11 1.58
C LYS B 43 -0.67 -5.60 0.52
N ARG B 44 -1.10 -6.46 -0.43
CA ARG B 44 -0.30 -6.65 -1.63
C ARG B 44 -0.28 -5.38 -2.49
N LEU B 45 0.88 -5.06 -3.05
CA LEU B 45 1.00 -3.95 -4.00
C LEU B 45 0.88 -4.47 -5.43
N GLU B 46 0.19 -3.71 -6.27
CA GLU B 46 0.05 -4.06 -7.67
C GLU B 46 0.17 -2.81 -8.52
N TRP B 47 1.14 -2.80 -9.44
CA TRP B 47 1.22 -1.72 -10.42
C TRP B 47 0.02 -1.78 -11.36
N VAL B 48 -0.53 -0.62 -11.71
CA VAL B 48 -1.81 -0.52 -12.41
C VAL B 48 -1.63 -0.06 -13.88
N ALA B 49 -1.01 1.10 -14.08
CA ALA B 49 -0.91 1.70 -15.41
C ALA B 49 0.20 2.74 -15.39
N THR B 50 0.67 3.11 -16.58
CA THR B 50 1.81 4.02 -16.76
C THR B 50 1.56 4.84 -18.03
N ILE B 51 1.94 6.12 -18.02
CA ILE B 51 1.80 6.98 -19.18
C ILE B 51 3.08 7.81 -19.39
N SER B 52 3.58 7.87 -20.63
CA SER B 52 4.76 8.67 -20.94
C SER B 52 4.44 10.18 -20.91
N SER B 53 5.48 11.01 -21.08
CA SER B 53 5.40 12.45 -20.83
C SER B 53 4.19 13.11 -21.52
N PHE B 54 3.95 12.78 -22.79
CA PHE B 54 2.93 13.43 -23.59
C PHE B 54 1.87 12.46 -24.07
N GLY B 55 1.73 11.32 -23.38
CA GLY B 55 0.65 10.42 -23.63
C GLY B 55 0.82 9.51 -24.82
N SER B 56 1.99 9.48 -25.47
CA SER B 56 2.11 8.63 -26.65
C SER B 56 2.13 7.15 -26.29
N TYR B 57 2.68 6.80 -25.13
CA TYR B 57 2.82 5.40 -24.76
C TYR B 57 2.17 5.17 -23.40
N THR B 58 1.45 4.05 -23.29
CA THR B 58 0.79 3.63 -22.08
C THR B 58 0.99 2.12 -21.93
N TYR B 59 1.14 1.68 -20.68
CA TYR B 59 1.12 0.26 -20.33
C TYR B 59 0.06 0.06 -19.26
N TYR B 60 -0.59 -1.11 -19.26
CA TYR B 60 -1.59 -1.50 -18.27
C TYR B 60 -1.29 -2.89 -17.73
N VAL B 61 -1.54 -3.09 -16.43
CA VAL B 61 -1.52 -4.44 -15.91
C VAL B 61 -2.74 -5.20 -16.45
N ASP B 62 -2.59 -6.51 -16.64
CA ASP B 62 -3.64 -7.27 -17.32
C ASP B 62 -4.98 -7.17 -16.60
N ALA B 63 -4.95 -7.14 -15.27
CA ALA B 63 -6.19 -7.18 -14.50
C ALA B 63 -7.15 -6.05 -14.86
N VAL B 64 -6.65 -4.91 -15.35
CA VAL B 64 -7.50 -3.74 -15.59
C VAL B 64 -7.61 -3.39 -17.05
N LYS B 65 -6.90 -4.10 -17.94
CA LYS B 65 -6.93 -3.74 -19.35
C LYS B 65 -8.36 -3.85 -19.89
N GLY B 66 -8.72 -2.90 -20.75
CA GLY B 66 -10.06 -2.84 -21.29
C GLY B 66 -11.11 -2.34 -20.32
N ARG B 67 -10.74 -2.01 -19.09
CA ARG B 67 -11.63 -1.40 -18.12
C ARG B 67 -11.14 -0.03 -17.65
N PHE B 68 -9.84 0.14 -17.44
CA PHE B 68 -9.27 1.39 -16.96
C PHE B 68 -8.56 2.11 -18.09
N THR B 69 -8.52 3.45 -18.01
CA THR B 69 -7.76 4.25 -18.97
C THR B 69 -6.98 5.32 -18.22
N ILE B 70 -5.65 5.31 -18.39
CA ILE B 70 -4.78 6.34 -17.85
C ILE B 70 -4.64 7.42 -18.90
N SER B 71 -4.59 8.68 -18.45
CA SER B 71 -4.44 9.83 -19.34
C SER B 71 -3.89 10.97 -18.50
N ARG B 72 -3.50 12.03 -19.18
CA ARG B 72 -2.91 13.15 -18.47
C ARG B 72 -3.23 14.43 -19.19
N ASP B 73 -3.28 15.54 -18.43
CA ASP B 73 -3.48 16.89 -18.96
C ASP B 73 -2.30 17.71 -18.46
N ASN B 74 -1.30 17.92 -19.31
CA ASN B 74 -0.07 18.55 -18.84
C ASN B 74 -0.30 20.00 -18.44
N ALA B 75 -1.22 20.70 -19.11
CA ALA B 75 -1.53 22.08 -18.75
C ALA B 75 -1.98 22.19 -17.29
N LYS B 76 -2.67 21.17 -16.76
CA LYS B 76 -3.20 21.23 -15.41
C LYS B 76 -2.38 20.41 -14.42
N ASN B 77 -1.21 19.88 -14.83
CA ASN B 77 -0.38 19.05 -13.97
C ASN B 77 -1.19 17.93 -13.33
N THR B 78 -2.07 17.32 -14.12
CA THR B 78 -3.02 16.34 -13.61
C THR B 78 -2.91 15.02 -14.36
N LEU B 79 -2.89 13.93 -13.60
CA LEU B 79 -2.95 12.56 -14.08
C LEU B 79 -4.34 12.01 -13.77
N TYR B 80 -4.90 11.21 -14.68
CA TYR B 80 -6.22 10.64 -14.47
C TYR B 80 -6.17 9.13 -14.55
N LEU B 81 -7.08 8.50 -13.81
CA LEU B 81 -7.40 7.09 -14.01
C LEU B 81 -8.92 6.98 -14.17
N GLN B 82 -9.37 6.74 -15.39
CA GLN B 82 -10.77 6.48 -15.66
C GLN B 82 -11.00 5.00 -15.43
N MET B 83 -11.86 4.66 -14.46
CA MET B 83 -12.10 3.27 -14.11
C MET B 83 -13.53 2.90 -14.45
N ASN B 84 -13.70 1.95 -15.38
CA ASN B 84 -14.99 1.45 -15.82
C ASN B 84 -15.14 -0.01 -15.44
N SER B 85 -16.37 -0.51 -15.47
CA SER B 85 -16.69 -1.92 -15.22
C SER B 85 -16.03 -2.39 -13.92
N LEU B 86 -16.17 -1.59 -12.87
CA LEU B 86 -15.47 -1.88 -11.63
C LEU B 86 -15.95 -3.17 -11.00
N ARG B 87 -15.01 -3.88 -10.36
CA ARG B 87 -15.30 -5.13 -9.69
C ARG B 87 -14.85 -5.03 -8.24
N ALA B 88 -15.31 -5.96 -7.41
CA ALA B 88 -15.00 -5.93 -5.99
C ALA B 88 -13.51 -5.99 -5.74
N GLU B 89 -12.79 -6.82 -6.51
CA GLU B 89 -11.35 -6.90 -6.28
C GLU B 89 -10.59 -5.67 -6.76
N ASP B 90 -11.26 -4.66 -7.31
CA ASP B 90 -10.62 -3.37 -7.56
C ASP B 90 -10.54 -2.52 -6.30
N THR B 91 -11.14 -2.98 -5.20
CA THR B 91 -11.11 -2.24 -3.94
C THR B 91 -9.66 -2.09 -3.46
N ALA B 92 -9.20 -0.85 -3.29
CA ALA B 92 -7.80 -0.61 -2.95
C ALA B 92 -7.59 0.88 -2.72
N ILE B 93 -6.47 1.18 -2.05
CA ILE B 93 -5.89 2.53 -2.07
C ILE B 93 -5.10 2.68 -3.37
N TYR B 94 -5.42 3.72 -4.13
CA TYR B 94 -4.77 3.97 -5.41
C TYR B 94 -3.76 5.09 -5.22
N TYR B 95 -2.49 4.80 -5.49
CA TYR B 95 -1.43 5.79 -5.34
C TYR B 95 -1.01 6.35 -6.69
N CYS B 96 -0.88 7.66 -6.76
CA CYS B 96 -0.22 8.31 -7.88
C CYS B 96 1.30 8.29 -7.64
N THR B 97 2.08 7.97 -8.68
CA THR B 97 3.53 7.87 -8.53
C THR B 97 4.25 8.51 -9.72
N ARG B 98 5.47 8.98 -9.49
CA ARG B 98 6.31 9.58 -10.53
C ARG B 98 7.48 8.66 -10.88
N GLN B 99 7.81 8.56 -12.18
CA GLN B 99 8.94 7.74 -12.62
C GLN B 99 9.75 8.48 -13.67
N THR B 100 10.98 8.01 -13.88
CA THR B 100 11.87 8.59 -14.88
C THR B 100 11.58 8.02 -16.27
N THR B 101 11.58 6.71 -16.42
CA THR B 101 11.16 6.07 -17.66
C THR B 101 9.98 5.15 -17.37
N MET B 102 9.51 4.46 -18.40
CA MET B 102 8.25 3.74 -18.25
C MET B 102 8.39 2.50 -17.41
N ILE B 103 9.58 1.88 -17.38
CA ILE B 103 9.86 0.72 -16.55
C ILE B 103 10.97 1.10 -15.60
N ALA B 104 10.62 1.31 -14.34
CA ALA B 104 11.56 1.80 -13.34
C ALA B 104 10.99 1.51 -11.94
N TRP B 105 11.56 2.18 -10.93
CA TRP B 105 11.04 2.12 -9.58
C TRP B 105 10.24 3.39 -9.29
N PHE B 106 9.67 3.46 -8.08
CA PHE B 106 8.73 4.52 -7.68
C PHE B 106 9.38 5.31 -6.55
N ALA B 107 9.99 6.44 -6.88
CA ALA B 107 10.64 7.23 -5.83
C ALA B 107 9.69 8.22 -5.19
N TYR B 108 8.61 8.62 -5.85
CA TYR B 108 7.68 9.58 -5.27
C TYR B 108 6.26 9.04 -5.35
N TRP B 109 5.56 9.08 -4.21
CA TRP B 109 4.21 8.55 -4.05
C TRP B 109 3.33 9.66 -3.47
N GLY B 110 2.08 9.69 -3.89
CA GLY B 110 1.07 10.48 -3.20
C GLY B 110 0.64 9.75 -1.93
N GLN B 111 -0.38 10.29 -1.28
CA GLN B 111 -0.86 9.66 -0.06
C GLN B 111 -1.94 8.60 -0.32
N GLY B 112 -2.49 8.57 -1.53
CA GLY B 112 -3.43 7.52 -1.88
C GLY B 112 -4.87 8.01 -1.75
N THR B 113 -5.74 7.36 -2.51
CA THR B 113 -7.18 7.61 -2.42
C THR B 113 -7.87 6.26 -2.44
N LEU B 114 -8.81 6.06 -1.50
CA LEU B 114 -9.42 4.76 -1.30
C LEU B 114 -10.60 4.58 -2.24
N VAL B 115 -10.62 3.46 -2.95
CA VAL B 115 -11.71 3.08 -3.84
C VAL B 115 -12.32 1.81 -3.25
N THR B 116 -13.63 1.82 -3.00
CA THR B 116 -14.31 0.65 -2.45
C THR B 116 -15.40 0.22 -3.41
N VAL B 117 -15.30 -1.00 -3.91
CA VAL B 117 -16.32 -1.55 -4.80
C VAL B 117 -17.01 -2.68 -4.05
N SER B 118 -18.32 -2.54 -3.87
CA SER B 118 -19.05 -3.50 -3.07
C SER B 118 -20.50 -3.55 -3.52
N SER B 119 -21.07 -4.76 -3.57
CA SER B 119 -22.50 -4.85 -3.86
C SER B 119 -23.37 -4.44 -2.68
N ALA B 120 -22.80 -4.30 -1.48
CA ALA B 120 -23.53 -3.81 -0.33
C ALA B 120 -23.68 -2.29 -0.38
N SER B 121 -24.88 -1.81 -0.06
CA SER B 121 -25.08 -0.41 0.23
C SER B 121 -24.61 -0.11 1.65
N THR B 122 -24.47 1.18 1.96
CA THR B 122 -24.10 1.55 3.32
C THR B 122 -25.12 0.94 4.29
N THR B 123 -24.60 0.25 5.32
CA THR B 123 -25.38 -0.60 6.21
C THR B 123 -25.01 -0.29 7.67
N ALA B 124 -26.01 -0.01 8.50
CA ALA B 124 -25.74 0.27 9.91
C ALA B 124 -25.45 -1.02 10.65
N PRO B 125 -24.54 -0.99 11.63
CA PRO B 125 -24.23 -2.21 12.38
C PRO B 125 -25.39 -2.62 13.28
N SER B 126 -25.48 -3.91 13.57
CA SER B 126 -26.32 -4.42 14.64
C SER B 126 -25.40 -4.73 15.81
N VAL B 127 -25.77 -4.26 17.00
CA VAL B 127 -24.89 -4.34 18.16
C VAL B 127 -25.52 -5.32 19.15
N PHE B 128 -24.84 -6.44 19.40
CA PHE B 128 -25.32 -7.52 20.24
C PHE B 128 -24.47 -7.61 21.49
N PRO B 129 -25.03 -7.40 22.67
CA PRO B 129 -24.25 -7.49 23.91
C PRO B 129 -24.01 -8.93 24.31
N LEU B 130 -22.79 -9.21 24.75
CA LEU B 130 -22.35 -10.57 25.08
C LEU B 130 -22.00 -10.61 26.56
N ALA B 131 -22.93 -11.09 27.38
CA ALA B 131 -22.75 -11.15 28.81
C ALA B 131 -22.01 -12.43 29.19
N PRO B 132 -21.38 -12.46 30.37
CA PRO B 132 -20.64 -13.66 30.78
C PRO B 132 -21.52 -14.90 30.82
N SER B 133 -20.91 -16.03 30.46
CA SER B 133 -21.58 -17.32 30.36
C SER B 133 -22.19 -17.78 31.69
N SER B 138 -18.64 -15.98 38.74
CA SER B 138 -17.77 -15.58 39.84
C SER B 138 -16.29 -15.61 39.43
N GLY B 139 -15.48 -14.83 40.12
CA GLY B 139 -14.08 -14.73 39.78
C GLY B 139 -13.47 -13.46 40.37
N SER B 140 -12.20 -13.23 40.02
CA SER B 140 -11.56 -11.96 40.33
C SER B 140 -11.95 -10.88 39.32
N THR B 141 -12.06 -11.24 38.03
CA THR B 141 -12.52 -10.36 36.98
C THR B 141 -13.51 -11.11 36.10
N VAL B 142 -14.32 -10.36 35.33
CA VAL B 142 -15.20 -10.94 34.32
C VAL B 142 -15.00 -10.21 33.00
N ALA B 143 -15.38 -10.88 31.91
CA ALA B 143 -15.21 -10.33 30.57
C ALA B 143 -16.57 -10.08 29.94
N LEU B 144 -16.79 -8.85 29.48
CA LEU B 144 -17.97 -8.46 28.73
C LEU B 144 -17.58 -8.13 27.33
N ALA B 145 -18.52 -8.28 26.40
CA ALA B 145 -18.16 -8.05 25.00
C ALA B 145 -19.39 -7.55 24.24
N CYS B 146 -19.11 -6.97 23.07
CA CYS B 146 -20.15 -6.54 22.14
C CYS B 146 -19.75 -7.00 20.75
N LEU B 147 -20.64 -7.75 20.11
CA LEU B 147 -20.50 -8.10 18.70
C LEU B 147 -21.12 -6.98 17.84
N VAL B 148 -20.29 -6.33 17.03
CA VAL B 148 -20.71 -5.26 16.15
C VAL B 148 -20.85 -5.89 14.77
N SER B 149 -22.08 -6.20 14.38
CA SER B 149 -22.35 -7.15 13.31
C SER B 149 -22.86 -6.45 12.05
N GLY B 150 -22.21 -6.72 10.93
CA GLY B 150 -22.75 -6.43 9.61
C GLY B 150 -22.90 -4.97 9.28
N TYR B 151 -21.80 -4.25 9.14
CA TYR B 151 -21.84 -2.85 8.76
C TYR B 151 -20.99 -2.64 7.52
N PHE B 152 -21.26 -1.52 6.83
CA PHE B 152 -20.51 -1.14 5.66
C PHE B 152 -20.76 0.34 5.38
N PRO B 153 -19.74 1.13 5.03
CA PRO B 153 -18.34 0.68 4.96
C PRO B 153 -17.64 0.90 6.30
N GLU B 154 -16.38 0.49 6.36
CA GLU B 154 -15.55 0.77 7.51
C GLU B 154 -15.33 2.27 7.66
N PRO B 155 -15.11 2.76 8.89
CA PRO B 155 -15.04 1.98 10.12
C PRO B 155 -16.23 2.20 11.05
N VAL B 156 -16.18 1.50 12.18
CA VAL B 156 -16.93 1.85 13.37
C VAL B 156 -15.93 2.31 14.42
N THR B 157 -16.43 3.05 15.41
CA THR B 157 -15.73 3.31 16.64
C THR B 157 -16.53 2.70 17.79
N VAL B 158 -15.84 1.99 18.66
CA VAL B 158 -16.47 1.37 19.83
C VAL B 158 -15.85 1.95 21.09
N SER B 159 -16.69 2.29 22.06
CA SER B 159 -16.22 2.72 23.36
C SER B 159 -17.12 2.07 24.40
N TRP B 160 -16.72 2.20 25.67
CA TRP B 160 -17.47 1.57 26.74
C TRP B 160 -17.83 2.61 27.78
N ASN B 161 -19.10 2.60 28.21
CA ASN B 161 -19.60 3.48 29.25
C ASN B 161 -19.39 4.95 28.87
N SER B 162 -19.65 5.27 27.59
CA SER B 162 -19.42 6.60 27.01
C SER B 162 -17.97 7.04 27.14
N GLY B 163 -17.04 6.10 27.05
CA GLY B 163 -15.63 6.43 27.05
C GLY B 163 -14.98 6.52 28.41
N SER B 164 -15.77 6.51 29.48
CA SER B 164 -15.17 6.50 30.80
C SER B 164 -14.41 5.19 31.05
N LEU B 165 -14.89 4.07 30.51
CA LEU B 165 -14.21 2.78 30.64
C LEU B 165 -13.27 2.59 29.46
N THR B 166 -11.97 2.76 29.69
CA THR B 166 -10.94 2.52 28.70
C THR B 166 -9.96 1.43 29.10
N SER B 167 -9.76 1.21 30.39
CA SER B 167 -8.80 0.21 30.85
C SER B 167 -9.35 -1.18 30.64
N GLY B 168 -8.52 -2.07 30.07
CA GLY B 168 -8.92 -3.43 29.79
C GLY B 168 -9.81 -3.61 28.57
N VAL B 169 -9.95 -2.59 27.75
CA VAL B 169 -10.73 -2.68 26.53
C VAL B 169 -9.86 -3.28 25.43
N HIS B 170 -10.46 -4.15 24.63
CA HIS B 170 -9.78 -4.79 23.50
C HIS B 170 -10.75 -4.88 22.35
N THR B 171 -10.51 -4.11 21.30
CA THR B 171 -11.34 -4.10 20.11
C THR B 171 -10.58 -4.78 18.97
N PHE B 172 -11.16 -5.77 18.39
CA PHE B 172 -10.42 -6.56 17.43
C PHE B 172 -10.56 -5.97 16.03
N PRO B 173 -9.71 -6.38 15.09
CA PRO B 173 -9.83 -5.85 13.73
C PRO B 173 -11.08 -6.42 13.06
N SER B 174 -11.64 -5.62 12.17
CA SER B 174 -12.84 -6.04 11.47
C SER B 174 -12.50 -7.09 10.41
N VAL B 175 -13.43 -7.99 10.18
CA VAL B 175 -13.35 -8.96 9.08
C VAL B 175 -14.49 -8.70 8.10
N LEU B 176 -14.23 -9.01 6.83
CA LEU B 176 -15.20 -8.82 5.76
C LEU B 176 -15.90 -10.13 5.48
N GLN B 177 -17.24 -10.13 5.53
CA GLN B 177 -18.07 -11.31 5.23
C GLN B 177 -18.41 -11.37 3.74
N SER B 178 -18.83 -12.55 3.30
CA SER B 178 -19.10 -12.74 1.88
C SER B 178 -20.19 -11.80 1.37
N SER B 179 -21.07 -11.36 2.27
CA SER B 179 -22.11 -10.38 1.95
C SER B 179 -21.56 -9.01 1.63
N GLY B 180 -20.28 -8.77 1.87
CA GLY B 180 -19.72 -7.45 1.74
C GLY B 180 -19.81 -6.61 2.99
N LEU B 181 -20.38 -7.13 4.06
CA LEU B 181 -20.47 -6.41 5.33
C LEU B 181 -19.32 -6.79 6.24
N HIS B 182 -18.95 -5.86 7.10
CA HIS B 182 -17.89 -6.08 8.07
C HIS B 182 -18.47 -6.36 9.44
N SER B 183 -17.72 -7.07 10.26
CA SER B 183 -18.06 -7.31 11.65
C SER B 183 -16.80 -7.23 12.50
N LEU B 184 -16.96 -6.86 13.76
CA LEU B 184 -15.87 -6.99 14.71
C LEU B 184 -16.46 -7.21 16.09
N SER B 185 -15.60 -7.61 17.02
CA SER B 185 -15.99 -7.70 18.42
C SER B 185 -15.10 -6.80 19.26
N SER B 186 -15.66 -6.36 20.37
CA SER B 186 -15.00 -5.55 21.37
C SER B 186 -15.30 -6.18 22.72
N MET B 187 -14.29 -6.23 23.58
CA MET B 187 -14.51 -6.81 24.89
C MET B 187 -13.80 -5.95 25.92
N VAL B 188 -14.23 -6.09 27.17
CA VAL B 188 -13.57 -5.45 28.30
C VAL B 188 -13.55 -6.42 29.48
N THR B 189 -12.47 -6.39 30.26
CA THR B 189 -12.40 -7.13 31.52
C THR B 189 -12.48 -6.15 32.66
N VAL B 190 -13.42 -6.39 33.57
CA VAL B 190 -13.70 -5.53 34.71
C VAL B 190 -13.47 -6.30 36.00
N PRO B 191 -13.10 -5.64 37.10
CA PRO B 191 -13.11 -6.30 38.41
C PRO B 191 -14.48 -6.91 38.71
N SER B 192 -14.47 -8.10 39.31
CA SER B 192 -15.71 -8.85 39.47
C SER B 192 -16.68 -8.18 40.44
N SER B 193 -16.19 -7.31 41.32
CA SER B 193 -17.08 -6.55 42.19
C SER B 193 -18.02 -5.66 41.38
N ARG B 194 -17.50 -5.09 40.28
CA ARG B 194 -18.23 -4.15 39.45
C ARG B 194 -19.34 -4.82 38.64
N TRP B 195 -19.37 -6.16 38.56
CA TRP B 195 -20.43 -6.89 37.89
C TRP B 195 -21.09 -7.88 38.85
N PRO B 196 -22.38 -8.20 38.67
CA PRO B 196 -23.38 -7.55 37.80
C PRO B 196 -24.05 -6.37 38.51
N SER B 197 -23.47 -5.95 39.63
CA SER B 197 -24.05 -4.86 40.41
C SER B 197 -24.09 -3.55 39.64
N GLU B 198 -23.15 -3.35 38.71
CA GLU B 198 -23.18 -2.19 37.82
C GLU B 198 -23.68 -2.57 36.44
N THR B 199 -24.02 -1.54 35.68
CA THR B 199 -24.46 -1.66 34.30
C THR B 199 -23.31 -1.25 33.40
N PHE B 200 -23.04 -2.04 32.37
CA PHE B 200 -22.02 -1.70 31.39
C PHE B 200 -22.70 -1.54 30.04
N THR B 201 -22.18 -0.61 29.23
CA THR B 201 -22.77 -0.33 27.93
C THR B 201 -21.65 -0.14 26.92
N CYS B 202 -21.82 -0.68 25.73
CA CYS B 202 -20.91 -0.37 24.65
C CYS B 202 -21.58 0.62 23.70
N ASN B 203 -20.83 1.64 23.31
CA ASN B 203 -21.32 2.70 22.48
C ASN B 203 -20.66 2.52 21.11
N VAL B 204 -21.46 2.28 20.08
CA VAL B 204 -20.95 2.08 18.74
C VAL B 204 -21.39 3.25 17.87
N VAL B 205 -20.45 3.86 17.19
CA VAL B 205 -20.73 4.91 16.24
C VAL B 205 -20.32 4.41 14.87
N HIS B 206 -21.22 4.58 13.90
CA HIS B 206 -20.91 4.25 12.51
C HIS B 206 -21.03 5.56 11.74
N PRO B 207 -19.91 6.25 11.48
CA PRO B 207 -20.01 7.55 10.79
C PRO B 207 -20.74 7.47 9.46
N ALA B 208 -20.34 6.53 8.59
CA ALA B 208 -20.85 6.51 7.22
C ALA B 208 -22.38 6.41 7.19
N SER B 209 -22.99 5.68 8.12
CA SER B 209 -24.44 5.63 8.16
C SER B 209 -25.04 6.63 9.15
N ASN B 210 -24.21 7.41 9.86
CA ASN B 210 -24.69 8.45 10.77
C ASN B 210 -25.61 7.84 11.85
N THR B 211 -25.18 6.72 12.43
CA THR B 211 -25.95 6.02 13.45
C THR B 211 -25.13 5.83 14.71
N LYS B 212 -25.80 5.92 15.85
CA LYS B 212 -25.20 5.75 17.17
C LYS B 212 -26.07 4.82 18.00
N VAL B 213 -25.47 3.80 18.59
CA VAL B 213 -26.19 2.83 19.42
C VAL B 213 -25.48 2.71 20.76
N ASP B 214 -26.26 2.63 21.84
CA ASP B 214 -25.75 2.21 23.15
C ASP B 214 -26.53 0.98 23.60
N LYS B 215 -25.80 -0.12 23.80
CA LYS B 215 -26.41 -1.39 24.21
C LYS B 215 -25.89 -1.75 25.59
N PRO B 216 -26.75 -1.85 26.59
CA PRO B 216 -26.31 -2.37 27.89
C PRO B 216 -26.04 -3.86 27.82
N VAL B 217 -25.00 -4.29 28.55
CA VAL B 217 -24.63 -5.70 28.57
C VAL B 217 -25.39 -6.42 29.68
N GLU C 1 5.46 -13.05 -17.37
CA GLU C 1 5.43 -12.12 -16.24
C GLU C 1 6.39 -12.58 -15.12
N ILE C 2 7.13 -11.65 -14.52
CA ILE C 2 8.20 -12.02 -13.59
C ILE C 2 7.65 -12.05 -12.17
N VAL C 3 7.64 -13.24 -11.55
CA VAL C 3 7.05 -13.40 -10.23
C VAL C 3 8.14 -13.21 -9.18
N MET C 4 7.85 -12.38 -8.18
CA MET C 4 8.78 -12.03 -7.11
C MET C 4 8.30 -12.70 -5.83
N THR C 5 9.13 -13.53 -5.23
CA THR C 5 8.72 -14.32 -4.07
C THR C 5 9.50 -13.91 -2.83
N GLN C 6 8.79 -13.42 -1.83
CA GLN C 6 9.31 -13.24 -0.48
C GLN C 6 8.76 -14.37 0.37
N THR C 7 9.63 -15.33 0.70
CA THR C 7 9.18 -16.56 1.34
C THR C 7 8.49 -16.29 2.68
N HIS C 8 8.99 -15.34 3.46
CA HIS C 8 8.47 -15.10 4.80
C HIS C 8 7.52 -13.92 4.80
N LYS C 9 6.26 -14.18 5.16
CA LYS C 9 5.32 -13.10 5.39
C LYS C 9 5.66 -12.32 6.65
N PHE C 10 6.20 -12.98 7.68
CA PHE C 10 6.54 -12.32 8.93
C PHE C 10 7.91 -12.80 9.37
N MET C 11 8.66 -11.91 10.02
CA MET C 11 9.92 -12.30 10.65
C MET C 11 10.02 -11.62 12.01
N SER C 12 10.45 -12.39 13.00
CA SER C 12 10.67 -11.90 14.35
C SER C 12 12.13 -11.51 14.47
N THR C 13 12.38 -10.33 15.00
CA THR C 13 13.75 -9.88 15.21
C THR C 13 13.84 -9.19 16.56
N SER C 14 15.06 -8.98 17.01
CA SER C 14 15.30 -8.24 18.23
C SER C 14 16.09 -6.99 17.89
N VAL C 15 15.76 -5.89 18.58
CA VAL C 15 16.51 -4.66 18.40
C VAL C 15 17.98 -4.95 18.65
N GLY C 16 18.83 -4.46 17.74
CA GLY C 16 20.25 -4.73 17.78
C GLY C 16 20.70 -5.90 16.92
N ASP C 17 19.78 -6.66 16.35
CA ASP C 17 20.11 -7.84 15.56
C ASP C 17 20.20 -7.51 14.07
N ARG C 18 20.96 -8.34 13.35
CA ARG C 18 20.99 -8.27 11.90
C ARG C 18 19.74 -8.96 11.34
N VAL C 19 19.15 -8.34 10.32
CA VAL C 19 17.94 -8.87 9.68
C VAL C 19 18.24 -9.11 8.21
N ASN C 20 17.89 -10.31 7.73
CA ASN C 20 18.10 -10.69 6.33
C ASN C 20 16.72 -11.02 5.76
N ILE C 21 16.27 -10.24 4.78
CA ILE C 21 15.00 -10.47 4.10
C ILE C 21 15.29 -10.90 2.67
N THR C 22 14.72 -12.02 2.25
CA THR C 22 15.07 -12.62 0.97
C THR C 22 13.98 -12.41 -0.07
N CYS C 23 14.41 -12.30 -1.33
CA CYS C 23 13.50 -12.11 -2.44
C CYS C 23 14.10 -12.88 -3.61
N LYS C 24 13.29 -13.71 -4.27
CA LYS C 24 13.76 -14.42 -5.45
C LYS C 24 12.83 -14.20 -6.63
N ALA C 25 13.44 -13.94 -7.80
CA ALA C 25 12.74 -13.70 -9.05
C ALA C 25 12.70 -14.98 -9.88
N SER C 26 11.57 -15.21 -10.55
CA SER C 26 11.39 -16.42 -11.35
C SER C 26 12.28 -16.45 -12.59
N GLN C 27 12.79 -15.30 -13.04
CA GLN C 27 13.76 -15.27 -14.13
C GLN C 27 14.80 -14.21 -13.83
N ASP C 28 15.92 -14.27 -14.55
CA ASP C 28 16.95 -13.26 -14.38
C ASP C 28 16.37 -11.86 -14.54
N VAL C 29 16.60 -11.01 -13.55
CA VAL C 29 16.36 -9.57 -13.62
C VAL C 29 17.66 -8.79 -13.50
N GLY C 30 18.79 -9.45 -13.55
CA GLY C 30 20.05 -8.77 -13.32
C GLY C 30 20.01 -8.10 -11.95
N ALA C 31 20.42 -6.84 -11.92
CA ALA C 31 20.42 -6.06 -10.69
C ALA C 31 19.20 -5.15 -10.59
N ALA C 32 18.18 -5.37 -11.42
CA ALA C 32 17.08 -4.40 -11.59
C ALA C 32 16.00 -4.67 -10.54
N LEU C 33 16.38 -4.40 -9.30
CA LEU C 33 15.53 -4.68 -8.15
C LEU C 33 15.47 -3.45 -7.25
N ALA C 34 14.31 -3.23 -6.64
CA ALA C 34 14.12 -2.14 -5.69
C ALA C 34 13.48 -2.67 -4.41
N TRP C 35 13.77 -2.00 -3.30
CA TRP C 35 13.24 -2.37 -1.99
C TRP C 35 12.49 -1.18 -1.40
N TYR C 36 11.28 -1.43 -0.89
CA TYR C 36 10.48 -0.40 -0.24
C TYR C 36 10.14 -0.80 1.20
N GLN C 37 10.00 0.23 2.04
CA GLN C 37 9.54 0.12 3.42
C GLN C 37 8.20 0.83 3.53
N GLN C 38 7.24 0.22 4.21
CA GLN C 38 5.94 0.84 4.44
C GLN C 38 5.52 0.70 5.90
N LYS C 39 5.14 1.78 6.49
CA LYS C 39 4.53 1.86 7.80
C LYS C 39 3.04 2.09 7.67
N PRO C 40 2.24 1.65 8.66
CA PRO C 40 0.78 1.74 8.53
C PRO C 40 0.33 3.18 8.30
N GLY C 41 -0.62 3.35 7.40
CA GLY C 41 -1.14 4.67 7.13
C GLY C 41 -0.24 5.54 6.27
N GLN C 42 0.83 5.00 5.71
CA GLN C 42 1.68 5.77 4.81
C GLN C 42 1.92 4.98 3.54
N ALA C 43 2.23 5.74 2.49
CA ALA C 43 2.65 5.16 1.23
C ALA C 43 3.98 4.40 1.42
N PRO C 44 4.29 3.47 0.54
CA PRO C 44 5.63 2.87 0.58
C PRO C 44 6.71 3.92 0.30
N LYS C 45 7.89 3.71 0.90
CA LYS C 45 9.03 4.60 0.77
C LYS C 45 10.17 3.83 0.14
N LEU C 46 10.78 4.41 -0.89
CA LEU C 46 11.89 3.77 -1.58
C LEU C 46 13.12 3.77 -0.70
N LEU C 47 13.75 2.61 -0.57
CA LEU C 47 14.98 2.46 0.19
C LEU C 47 16.19 2.14 -0.67
N ILE C 48 16.08 1.15 -1.57
CA ILE C 48 17.20 0.64 -2.35
C ILE C 48 16.74 0.50 -3.79
N TYR C 49 17.60 0.91 -4.74
CA TYR C 49 17.33 0.67 -6.15
C TYR C 49 18.58 0.09 -6.79
N TRP C 50 18.41 -0.56 -7.96
CA TRP C 50 19.48 -1.27 -8.66
C TRP C 50 20.19 -2.24 -7.72
N ALA C 51 19.39 -2.86 -6.85
CA ALA C 51 19.69 -3.92 -5.90
C ALA C 51 20.57 -3.48 -4.74
N SER C 52 21.36 -2.42 -4.89
CA SER C 52 22.26 -2.07 -3.80
C SER C 52 22.49 -0.57 -3.63
N ASN C 53 21.95 0.29 -4.51
CA ASN C 53 22.08 1.72 -4.33
C ASN C 53 21.09 2.18 -3.27
N ARG C 54 21.60 2.78 -2.20
CA ARG C 54 20.74 3.34 -1.17
C ARG C 54 20.25 4.71 -1.63
N ALA C 55 18.93 4.93 -1.60
CA ALA C 55 18.36 6.20 -2.03
C ALA C 55 18.76 7.31 -1.06
N THR C 56 18.60 8.55 -1.51
CA THR C 56 19.07 9.69 -0.73
C THR C 56 18.40 9.73 0.63
N GLY C 57 19.19 9.98 1.67
CA GLY C 57 18.68 10.11 3.01
C GLY C 57 18.36 8.82 3.73
N VAL C 58 18.45 7.67 3.06
CA VAL C 58 18.18 6.38 3.68
C VAL C 58 19.31 6.03 4.65
N PRO C 59 18.99 5.65 5.89
CA PRO C 59 20.05 5.30 6.85
C PRO C 59 20.94 4.17 6.37
N SER C 60 22.23 4.27 6.75
CA SER C 60 23.27 3.36 6.28
C SER C 60 23.12 1.94 6.80
N ARG C 61 22.29 1.70 7.82
CA ARG C 61 22.10 0.34 8.28
C ARG C 61 21.28 -0.50 7.30
N PHE C 62 20.64 0.13 6.32
CA PHE C 62 19.86 -0.58 5.32
C PHE C 62 20.73 -0.85 4.11
N SER C 63 20.65 -2.06 3.58
CA SER C 63 21.44 -2.33 2.38
C SER C 63 20.82 -3.47 1.61
N GLY C 64 21.21 -3.56 0.34
CA GLY C 64 20.72 -4.60 -0.52
C GLY C 64 21.88 -5.20 -1.30
N SER C 65 21.74 -6.48 -1.62
CA SER C 65 22.73 -7.19 -2.40
C SER C 65 22.02 -8.24 -3.24
N GLY C 66 22.79 -8.84 -4.13
CA GLY C 66 22.33 -9.85 -5.08
C GLY C 66 22.34 -9.33 -6.50
N SER C 67 22.36 -10.29 -7.43
CA SER C 67 22.27 -9.96 -8.85
C SER C 67 21.87 -11.23 -9.57
N GLY C 68 20.87 -11.13 -10.46
CA GLY C 68 20.39 -12.36 -11.07
C GLY C 68 18.99 -12.71 -10.64
N THR C 69 18.83 -13.67 -9.74
CA THR C 69 17.50 -14.08 -9.28
C THR C 69 17.32 -14.05 -7.77
N ASP C 70 18.40 -13.92 -6.99
CA ASP C 70 18.34 -14.06 -5.54
C ASP C 70 18.84 -12.78 -4.90
N PHE C 71 17.99 -12.16 -4.09
CA PHE C 71 18.29 -10.85 -3.55
C PHE C 71 18.06 -10.87 -2.04
N THR C 72 18.84 -10.04 -1.33
CA THR C 72 18.80 -9.93 0.12
C THR C 72 18.72 -8.46 0.51
N PHE C 73 17.71 -8.12 1.29
CA PHE C 73 17.62 -6.84 1.96
C PHE C 73 18.10 -7.01 3.40
N THR C 74 19.03 -6.15 3.84
CA THR C 74 19.68 -6.34 5.13
C THR C 74 19.60 -5.08 5.97
N ILE C 75 19.19 -5.24 7.23
CA ILE C 75 19.36 -4.22 8.26
C ILE C 75 20.47 -4.70 9.18
N SER C 76 21.57 -3.95 9.25
CA SER C 76 22.74 -4.42 10.00
C SER C 76 22.45 -4.49 11.49
N SER C 77 21.79 -3.48 12.05
CA SER C 77 21.37 -3.49 13.45
C SER C 77 19.97 -2.91 13.54
N LEU C 78 18.98 -3.77 13.80
CA LEU C 78 17.60 -3.33 13.83
C LEU C 78 17.39 -2.27 14.90
N GLU C 79 16.72 -1.18 14.53
CA GLU C 79 16.29 -0.10 15.41
C GLU C 79 14.77 -0.11 15.53
N PRO C 80 14.23 0.40 16.64
CA PRO C 80 12.76 0.28 16.86
C PRO C 80 11.93 0.89 15.75
N GLU C 81 12.37 2.00 15.15
CA GLU C 81 11.60 2.58 14.05
C GLU C 81 11.63 1.73 12.78
N ASP C 82 12.43 0.65 12.74
CA ASP C 82 12.53 -0.20 11.56
C ASP C 82 11.43 -1.25 11.48
N VAL C 83 10.61 -1.38 12.51
CA VAL C 83 9.49 -2.31 12.50
C VAL C 83 8.51 -1.86 11.42
N ALA C 84 8.36 -2.63 10.35
CA ALA C 84 7.61 -2.21 9.17
C ALA C 84 7.44 -3.42 8.26
N VAL C 85 6.79 -3.18 7.11
CA VAL C 85 6.69 -4.15 6.02
C VAL C 85 7.65 -3.74 4.92
N TYR C 86 8.41 -4.70 4.39
CA TYR C 86 9.39 -4.46 3.34
C TYR C 86 8.99 -5.24 2.09
N TYR C 87 9.01 -4.56 0.93
CA TYR C 87 8.64 -5.17 -0.33
C TYR C 87 9.77 -5.04 -1.35
N CYS C 88 10.02 -6.11 -2.10
CA CYS C 88 10.88 -5.97 -3.26
C CYS C 88 10.03 -5.73 -4.50
N GLN C 89 10.70 -5.29 -5.56
CA GLN C 89 10.05 -4.95 -6.82
C GLN C 89 11.09 -5.03 -7.92
N GLN C 90 10.80 -5.77 -9.00
CA GLN C 90 11.70 -5.82 -10.15
C GLN C 90 11.23 -4.82 -11.21
N PHE C 91 12.20 -4.21 -11.91
CA PHE C 91 11.95 -3.34 -13.04
C PHE C 91 12.82 -3.73 -14.23
N SER C 92 13.22 -5.01 -14.29
CA SER C 92 13.71 -5.61 -15.53
C SER C 92 12.65 -5.58 -16.61
N SER C 93 11.42 -5.91 -16.25
CA SER C 93 10.32 -5.85 -17.19
C SER C 93 9.11 -5.28 -16.43
N TYR C 94 7.90 -5.46 -16.98
CA TYR C 94 6.70 -4.83 -16.41
C TYR C 94 6.62 -5.05 -14.90
N HIS C 95 6.34 -3.97 -14.18
CA HIS C 95 6.53 -3.93 -12.72
C HIS C 95 5.79 -5.06 -12.00
N THR C 96 6.50 -5.77 -11.13
CA THR C 96 5.88 -6.68 -10.18
C THR C 96 6.53 -6.53 -8.81
N PHE C 97 5.72 -6.72 -7.77
CA PHE C 97 6.15 -6.62 -6.38
C PHE C 97 6.16 -8.00 -5.71
N GLY C 98 7.10 -8.22 -4.81
CA GLY C 98 7.00 -9.34 -3.89
C GLY C 98 5.84 -9.10 -2.92
N GLY C 99 5.47 -10.14 -2.18
CA GLY C 99 4.29 -10.01 -1.33
C GLY C 99 4.49 -9.36 0.02
N GLY C 100 5.70 -8.98 0.38
CA GLY C 100 5.86 -8.25 1.63
C GLY C 100 6.39 -9.14 2.73
N THR C 101 7.22 -8.57 3.60
CA THR C 101 7.71 -9.24 4.80
C THR C 101 7.57 -8.27 5.95
N LYS C 102 6.72 -8.60 6.92
CA LYS C 102 6.47 -7.78 8.09
C LYS C 102 7.51 -8.10 9.16
N LEU C 103 8.24 -7.09 9.63
CA LEU C 103 9.15 -7.29 10.76
C LEU C 103 8.40 -7.00 12.05
N GLU C 104 8.57 -7.88 13.03
CA GLU C 104 7.99 -7.67 14.34
C GLU C 104 9.05 -8.00 15.40
N ILE C 105 8.80 -7.53 16.63
CA ILE C 105 9.78 -7.63 17.71
C ILE C 105 9.57 -8.94 18.46
N LYS C 106 10.66 -9.71 18.61
CA LYS C 106 10.63 -10.91 19.43
C LYS C 106 10.63 -10.54 20.92
N ARG C 107 9.83 -11.25 21.69
CA ARG C 107 9.80 -11.10 23.14
C ARG C 107 9.63 -12.47 23.76
N ASN C 108 9.51 -12.51 25.09
CA ASN C 108 9.23 -13.74 25.81
C ASN C 108 7.86 -14.30 25.43
N ASP C 109 7.75 -15.63 25.44
CA ASP C 109 6.45 -16.26 25.21
C ASP C 109 5.45 -15.78 26.24
N ALA C 110 4.19 -15.66 25.81
CA ALA C 110 3.12 -15.17 26.67
C ALA C 110 1.85 -15.96 26.38
N GLN C 111 1.22 -16.46 27.43
CA GLN C 111 0.03 -17.28 27.28
C GLN C 111 -1.20 -16.42 26.96
N PRO C 112 -2.09 -16.91 26.12
CA PRO C 112 -3.31 -16.14 25.81
C PRO C 112 -4.26 -16.17 26.98
N ALA C 113 -4.95 -15.05 27.18
CA ALA C 113 -6.18 -15.02 27.95
C ALA C 113 -7.33 -15.25 26.99
N VAL C 114 -8.17 -16.26 27.28
CA VAL C 114 -9.17 -16.74 26.34
C VAL C 114 -10.56 -16.55 26.93
N TYR C 115 -11.45 -15.95 26.15
CA TYR C 115 -12.84 -15.78 26.56
C TYR C 115 -13.75 -16.29 25.45
N LEU C 116 -14.85 -16.92 25.83
CA LEU C 116 -15.78 -17.55 24.90
C LEU C 116 -17.18 -17.02 25.19
N PHE C 117 -17.91 -16.59 24.17
CA PHE C 117 -19.22 -15.96 24.33
C PHE C 117 -20.26 -16.65 23.46
N GLN C 118 -21.39 -16.97 24.09
CA GLN C 118 -22.54 -17.55 23.40
C GLN C 118 -23.27 -16.49 22.58
N PRO C 119 -24.00 -16.89 21.54
CA PRO C 119 -24.80 -15.92 20.78
C PRO C 119 -25.84 -15.25 21.67
N SER C 120 -25.99 -13.95 21.50
CA SER C 120 -26.95 -13.28 22.35
C SER C 120 -28.36 -13.51 21.85
N PRO C 121 -29.36 -13.48 22.74
CA PRO C 121 -30.74 -13.73 22.32
C PRO C 121 -31.23 -12.78 21.23
N ASP C 122 -30.77 -11.53 21.21
CA ASP C 122 -31.21 -10.60 20.17
C ASP C 122 -30.73 -11.06 18.80
N GLN C 123 -29.52 -11.61 18.70
CA GLN C 123 -29.06 -12.09 17.40
C GLN C 123 -29.88 -13.28 16.93
N LEU C 124 -30.15 -14.23 17.84
CA LEU C 124 -30.92 -15.42 17.49
C LEU C 124 -32.28 -15.05 16.93
N HIS C 125 -32.87 -13.96 17.41
CA HIS C 125 -34.14 -13.49 16.85
C HIS C 125 -34.06 -13.25 15.35
N THR C 126 -32.90 -12.87 14.84
CA THR C 126 -32.78 -12.55 13.41
C THR C 126 -32.48 -13.75 12.54
N GLY C 127 -32.21 -14.92 13.12
CA GLY C 127 -31.91 -16.10 12.31
C GLY C 127 -30.45 -16.49 12.25
N SER C 128 -29.56 -15.79 12.94
CA SER C 128 -28.15 -16.14 12.96
C SER C 128 -27.67 -16.34 14.40
N ALA C 129 -26.52 -16.99 14.51
CA ALA C 129 -25.89 -17.28 15.79
C ALA C 129 -24.39 -17.25 15.58
N SER C 130 -23.73 -16.30 16.23
CA SER C 130 -22.29 -16.18 16.18
C SER C 130 -21.74 -16.59 17.54
N VAL C 131 -20.87 -17.59 17.55
CA VAL C 131 -20.13 -17.97 18.75
C VAL C 131 -18.74 -17.35 18.68
N VAL C 132 -18.37 -16.59 19.70
CA VAL C 132 -17.22 -15.70 19.68
C VAL C 132 -16.16 -16.20 20.65
N CYS C 133 -14.97 -16.51 20.12
CA CYS C 133 -13.82 -16.89 20.94
C CYS C 133 -12.75 -15.81 20.79
N LEU C 134 -12.39 -15.17 21.91
CA LEU C 134 -11.50 -14.01 21.92
C LEU C 134 -10.24 -14.37 22.68
N LEU C 135 -9.09 -14.16 22.05
CA LEU C 135 -7.78 -14.44 22.63
C LEU C 135 -6.97 -13.15 22.75
N ASN C 136 -6.42 -12.88 23.95
CA ASN C 136 -5.72 -11.63 24.24
C ASN C 136 -4.29 -11.90 24.71
N SER C 137 -3.36 -11.11 24.15
CA SER C 137 -2.01 -10.88 24.70
C SER C 137 -1.16 -12.15 24.75
N PHE C 138 -1.01 -12.79 23.59
CA PHE C 138 -0.15 -13.95 23.47
C PHE C 138 1.07 -13.63 22.61
N TYR C 139 2.13 -14.42 22.80
CA TYR C 139 3.32 -14.41 21.96
C TYR C 139 3.86 -15.83 21.97
N PRO C 140 4.29 -16.38 20.82
CA PRO C 140 4.41 -15.77 19.50
C PRO C 140 3.10 -15.69 18.72
N LYS C 141 3.18 -15.14 17.50
CA LYS C 141 1.99 -14.85 16.70
C LYS C 141 1.27 -16.12 16.24
N ASP C 142 2.02 -17.14 15.87
CA ASP C 142 1.47 -18.37 15.31
C ASP C 142 0.64 -19.10 16.36
N ILE C 143 -0.64 -19.34 16.06
CA ILE C 143 -1.57 -19.93 17.02
C ILE C 143 -2.62 -20.72 16.27
N ASN C 144 -3.16 -21.74 16.92
CA ASN C 144 -4.12 -22.63 16.29
C ASN C 144 -5.40 -22.63 17.11
N VAL C 145 -6.48 -22.13 16.53
CA VAL C 145 -7.79 -22.13 17.17
C VAL C 145 -8.67 -23.12 16.44
N LYS C 146 -9.20 -24.09 17.16
CA LYS C 146 -9.99 -25.17 16.62
C LYS C 146 -11.36 -25.12 17.26
N TRP C 147 -12.41 -25.27 16.45
CA TRP C 147 -13.79 -25.24 16.92
C TRP C 147 -14.39 -26.64 16.84
N LYS C 148 -15.03 -27.07 17.92
CA LYS C 148 -15.71 -28.36 17.97
C LYS C 148 -17.13 -28.15 18.48
N VAL C 149 -18.10 -28.65 17.72
CA VAL C 149 -19.49 -28.64 18.14
C VAL C 149 -19.89 -30.09 18.37
N ASP C 150 -20.26 -30.41 19.61
CA ASP C 150 -20.56 -31.79 20.01
C ASP C 150 -19.49 -32.76 19.50
N GLY C 151 -18.24 -32.31 19.54
CA GLY C 151 -17.11 -33.16 19.28
C GLY C 151 -16.64 -33.23 17.85
N VAL C 152 -17.38 -32.69 16.89
CA VAL C 152 -16.95 -32.70 15.50
C VAL C 152 -16.31 -31.36 15.16
N ILE C 153 -15.10 -31.41 14.61
CA ILE C 153 -14.38 -30.23 14.18
C ILE C 153 -15.14 -29.53 13.06
N GLN C 154 -15.21 -28.19 13.15
CA GLN C 154 -15.85 -27.37 12.14
C GLN C 154 -14.82 -26.92 11.12
N ASP C 155 -15.22 -26.94 9.84
CA ASP C 155 -14.36 -26.47 8.76
C ASP C 155 -15.07 -25.46 7.88
N THR C 156 -16.13 -24.84 8.37
CA THR C 156 -16.86 -23.83 7.64
C THR C 156 -17.56 -22.92 8.63
N GLY C 157 -17.77 -21.68 8.22
CA GLY C 157 -18.45 -20.70 9.06
C GLY C 157 -17.56 -19.95 10.01
N ILE C 158 -16.23 -19.97 9.81
CA ILE C 158 -15.27 -19.48 10.78
C ILE C 158 -14.52 -18.32 10.17
N GLN C 159 -14.59 -17.15 10.81
CA GLN C 159 -13.78 -16.01 10.46
C GLN C 159 -12.83 -15.68 11.61
N GLU C 160 -11.58 -15.40 11.24
CA GLU C 160 -10.51 -15.09 12.17
C GLU C 160 -10.02 -13.67 11.91
N SER C 161 -9.68 -12.96 12.98
CA SER C 161 -9.15 -11.60 12.92
C SER C 161 -7.99 -11.50 13.90
N VAL C 162 -6.78 -11.23 13.41
CA VAL C 162 -5.59 -11.10 14.26
C VAL C 162 -5.18 -9.63 14.33
N THR C 163 -4.81 -9.18 15.52
CA THR C 163 -4.31 -7.81 15.63
C THR C 163 -2.88 -7.72 15.13
N GLU C 164 -2.45 -6.48 14.89
CA GLU C 164 -1.05 -6.13 14.76
C GLU C 164 -0.37 -6.24 16.13
N GLN C 165 0.95 -6.40 16.10
CA GLN C 165 1.69 -6.49 17.35
C GLN C 165 1.45 -5.24 18.19
N ASP C 166 0.90 -5.43 19.40
CA ASP C 166 0.50 -4.31 20.24
C ASP C 166 1.71 -3.69 20.94
N LYS C 167 1.46 -2.75 21.86
CA LYS C 167 2.55 -1.95 22.42
C LYS C 167 3.54 -2.80 23.22
N ASP C 168 3.06 -3.81 23.94
CA ASP C 168 3.99 -4.69 24.64
C ASP C 168 4.29 -5.97 23.86
N SER C 169 4.25 -5.89 22.53
CA SER C 169 4.74 -6.92 21.61
C SER C 169 3.91 -8.20 21.62
N THR C 170 2.76 -8.22 22.28
CA THR C 170 1.88 -9.39 22.22
C THR C 170 0.81 -9.20 21.15
N TYR C 171 0.09 -10.29 20.86
CA TYR C 171 -0.94 -10.32 19.83
C TYR C 171 -2.28 -10.69 20.43
N SER C 172 -3.35 -10.26 19.74
CA SER C 172 -4.71 -10.64 20.06
C SER C 172 -5.39 -11.16 18.80
N LEU C 173 -6.39 -12.02 18.98
CA LEU C 173 -7.05 -12.66 17.86
C LEU C 173 -8.48 -12.98 18.24
N SER C 174 -9.39 -12.84 17.28
CA SER C 174 -10.76 -13.30 17.43
C SER C 174 -11.04 -14.41 16.42
N SER C 175 -11.79 -15.41 16.85
CA SER C 175 -12.36 -16.42 15.96
C SER C 175 -13.85 -16.49 16.23
N THR C 176 -14.64 -16.39 15.17
CA THR C 176 -16.09 -16.39 15.28
C THR C 176 -16.65 -17.48 14.39
N LEU C 177 -17.51 -18.31 14.96
CA LEU C 177 -18.19 -19.38 14.25
C LEU C 177 -19.65 -18.96 14.06
N THR C 178 -20.07 -18.82 12.81
CA THR C 178 -21.40 -18.35 12.51
C THR C 178 -22.21 -19.46 11.84
N MET C 179 -23.46 -19.63 12.29
CA MET C 179 -24.37 -20.57 11.68
C MET C 179 -25.77 -20.01 11.82
N SER C 180 -26.74 -20.71 11.23
CA SER C 180 -28.13 -20.35 11.39
C SER C 180 -28.57 -20.58 12.83
N SER C 181 -29.58 -19.82 13.27
CA SER C 181 -30.05 -19.96 14.64
C SER C 181 -30.64 -21.36 14.88
N THR C 182 -31.37 -21.89 13.89
CA THR C 182 -31.88 -23.26 14.04
C THR C 182 -30.74 -24.27 14.18
N GLU C 183 -29.70 -24.13 13.35
CA GLU C 183 -28.54 -25.00 13.44
C GLU C 183 -27.86 -24.85 14.81
N TYR C 184 -27.70 -23.62 15.29
CA TYR C 184 -27.16 -23.41 16.62
C TYR C 184 -27.99 -24.17 17.65
N LEU C 185 -29.31 -24.08 17.53
CA LEU C 185 -30.16 -24.64 18.56
C LEU C 185 -30.19 -26.18 18.54
N SER C 186 -29.67 -26.80 17.48
CA SER C 186 -29.66 -28.26 17.35
C SER C 186 -28.45 -28.91 18.01
N HIS C 187 -27.55 -28.13 18.56
CA HIS C 187 -26.32 -28.66 19.14
C HIS C 187 -26.21 -28.16 20.59
N GLU C 188 -25.34 -28.83 21.35
CA GLU C 188 -25.26 -28.61 22.79
C GLU C 188 -23.92 -28.07 23.26
N LEU C 189 -22.81 -28.73 22.89
CA LEU C 189 -21.50 -28.40 23.44
C LEU C 189 -20.69 -27.64 22.39
N TYR C 190 -20.28 -26.42 22.72
CA TYR C 190 -19.48 -25.59 21.82
C TYR C 190 -18.12 -25.37 22.47
N SER C 191 -17.06 -25.76 21.76
CA SER C 191 -15.71 -25.61 22.30
C SER C 191 -14.81 -24.91 21.32
N CYS C 192 -13.97 -24.04 21.89
CA CYS C 192 -12.89 -23.35 21.21
C CYS C 192 -11.60 -23.90 21.79
N GLU C 193 -10.77 -24.50 20.95
CA GLU C 193 -9.60 -25.25 21.43
C GLU C 193 -8.33 -24.59 20.91
N ILE C 194 -7.44 -24.23 21.83
CA ILE C 194 -6.31 -23.34 21.53
C ILE C 194 -5.01 -24.12 21.68
N THR C 195 -4.22 -24.15 20.61
CA THR C 195 -2.90 -24.76 20.61
C THR C 195 -1.87 -23.67 20.37
N HIS C 196 -0.82 -23.65 21.19
CA HIS C 196 0.09 -22.52 21.16
C HIS C 196 1.39 -22.91 21.86
N LYS C 197 2.49 -22.28 21.41
CA LYS C 197 3.80 -22.57 21.97
C LYS C 197 3.86 -22.28 23.47
N SER C 198 3.12 -21.29 23.95
CA SER C 198 3.21 -20.97 25.38
C SER C 198 2.42 -21.93 26.27
N LEU C 199 1.56 -22.77 25.69
CA LEU C 199 0.69 -23.66 26.46
C LEU C 199 1.19 -25.10 26.35
N PRO C 200 1.60 -25.73 27.46
CA PRO C 200 2.11 -27.11 27.38
C PRO C 200 1.08 -28.12 26.94
N SER C 201 -0.20 -27.80 27.05
CA SER C 201 -1.23 -28.63 26.46
C SER C 201 -2.37 -27.73 26.04
N THR C 202 -3.17 -28.25 25.11
CA THR C 202 -4.22 -27.48 24.48
C THR C 202 -5.19 -26.94 25.52
N LEU C 203 -5.55 -25.66 25.39
CA LEU C 203 -6.48 -25.02 26.30
C LEU C 203 -7.87 -25.10 25.69
N ILE C 204 -8.81 -25.68 26.43
CA ILE C 204 -10.17 -25.92 25.98
C ILE C 204 -11.10 -24.99 26.74
N LYS C 205 -11.79 -24.12 26.00
CA LYS C 205 -12.88 -23.33 26.54
C LYS C 205 -14.14 -23.80 25.88
N SER C 206 -15.18 -24.03 26.68
CA SER C 206 -16.41 -24.60 26.15
C SER C 206 -17.57 -24.12 27.00
N PHE C 207 -18.77 -24.30 26.45
CA PHE C 207 -20.00 -24.06 27.18
C PHE C 207 -21.05 -25.02 26.68
N GLN C 208 -22.05 -25.24 27.53
CA GLN C 208 -23.20 -26.08 27.23
C GLN C 208 -24.38 -25.18 26.98
N ARG C 209 -24.96 -25.28 25.78
CA ARG C 209 -26.01 -24.36 25.37
C ARG C 209 -27.21 -24.43 26.31
N SER C 210 -27.59 -25.63 26.74
CA SER C 210 -28.79 -25.88 27.53
C SER C 210 -28.74 -25.29 28.94
N GLU C 211 -27.70 -24.55 29.29
CA GLU C 211 -27.65 -23.94 30.62
C GLU C 211 -28.50 -22.67 30.68
#